data_8HUQ
#
_entry.id   8HUQ
#
_cell.length_a   44.760
_cell.length_b   61.573
_cell.length_c   53.351
_cell.angle_alpha   90.000
_cell.angle_beta   106.570
_cell.angle_gamma   90.000
#
_symmetry.space_group_name_H-M   'P 1 21 1'
#
loop_
_entity.id
_entity.type
_entity.pdbx_description
1 polymer 'Peroxisome proliferator-activated receptor alpha'
2 polymer '15-meric peptide from Nuclear receptor coactivator 1'
3 non-polymer GLYCEROL
4 non-polymer '2-[2,6-dimethyl-4-[(~{E})-3-(4-methylsulfanylphenyl)-3-oxidanylidene-prop-1-enyl]phenoxy]-2-methyl-propanoic acid'
5 water water
#
loop_
_entity_poly.entity_id
_entity_poly.type
_entity_poly.pdbx_seq_one_letter_code
_entity_poly.pdbx_strand_id
1 'polypeptide(L)'
;GSHMTADLKSLAKRIYEAYLKNFNMNKVKARVILSGKASNNPPFVIHDMETLCMAEKTLVAKLVANGIQNKEAEVRIFHC
CQCTSVETVTELTEFAKAIPGFANLDLNDQVTLLKYGVYEAIFAMLSSVMNKDGMLVAYGNGFITREFLKSLRKPFCDIM
EPKFDFAMKFNALELDDSDISLFVAAIICCGDRPGLLNVGHIEKMQEGIVHVLRLHLQSNHPDDIFLFPKLLQKMADLRQ
LVTEHAQLVQIIKKTESDAALHPLLQEIYRDMY
;
A
2 'polypeptide(L)' LTERHKILHRLLQEG B
#
loop_
_chem_comp.id
_chem_comp.type
_chem_comp.name
_chem_comp.formula
GOL non-polymer GLYCEROL 'C3 H8 O3'
MUO non-polymer '2-[2,6-dimethyl-4-[(~{E})-3-(4-methylsulfanylphenyl)-3-oxidanylidene-prop-1-enyl]phenoxy]-2-methyl-propanoic acid' 'C22 H24 O4 S'
#
# COMPACT_ATOMS: atom_id res chain seq x y z
N ASP A 7 -16.65 20.82 -9.31
CA ASP A 7 -17.53 19.66 -9.24
C ASP A 7 -16.71 18.38 -9.29
N LEU A 8 -16.14 18.09 -10.46
CA LEU A 8 -15.11 17.05 -10.51
C LEU A 8 -13.87 17.48 -9.72
N LYS A 9 -13.56 18.78 -9.75
CA LYS A 9 -12.50 19.30 -8.90
C LYS A 9 -12.79 19.05 -7.44
N SER A 10 -14.07 19.04 -7.06
CA SER A 10 -14.47 18.78 -5.69
C SER A 10 -14.41 17.31 -5.35
N LEU A 11 -14.74 16.43 -6.31
CA LEU A 11 -14.51 15.02 -6.05
C LEU A 11 -13.03 14.78 -5.80
N ALA A 12 -12.17 15.41 -6.60
CA ALA A 12 -10.73 15.23 -6.41
C ALA A 12 -10.30 15.74 -5.03
N LYS A 13 -10.78 16.92 -4.65
CA LYS A 13 -10.44 17.48 -3.34
C LYS A 13 -10.94 16.61 -2.21
N ARG A 14 -12.20 16.11 -2.30
CA ARG A 14 -12.73 15.24 -1.25
C ARG A 14 -11.88 13.98 -1.09
N ILE A 15 -11.49 13.38 -2.21
CA ILE A 15 -10.64 12.19 -2.12
C ILE A 15 -9.30 12.56 -1.49
N TYR A 16 -8.70 13.68 -1.90
CA TYR A 16 -7.40 14.09 -1.31
C TYR A 16 -7.54 14.38 0.18
N GLU A 17 -8.61 15.06 0.56
CA GLU A 17 -8.86 15.33 1.97
C GLU A 17 -8.97 14.05 2.76
N ALA A 18 -9.64 13.03 2.20
CA ALA A 18 -9.84 11.76 2.88
C ALA A 18 -8.51 11.03 3.02
N TYR A 19 -7.64 11.18 2.02
N TYR A 19 -7.65 11.18 2.02
CA TYR A 19 -6.31 10.57 2.11
CA TYR A 19 -6.31 10.60 2.06
C TYR A 19 -5.47 11.24 3.20
C TYR A 19 -5.49 11.24 3.17
N LEU A 20 -5.50 12.58 3.24
CA LEU A 20 -4.72 13.28 4.27
C LEU A 20 -5.22 12.97 5.66
N LYS A 21 -6.52 12.69 5.79
CA LYS A 21 -7.09 12.42 7.09
C LYS A 21 -6.83 10.99 7.56
N ASN A 22 -6.83 10.01 6.66
CA ASN A 22 -6.82 8.62 7.07
C ASN A 22 -5.44 7.95 7.05
N PHE A 23 -4.45 8.48 6.36
CA PHE A 23 -3.15 7.82 6.30
C PHE A 23 -2.15 8.55 7.20
N ASN A 24 -1.46 7.79 8.07
CA ASN A 24 -0.54 8.44 9.00
C ASN A 24 0.67 9.02 8.28
N MET A 25 1.07 8.41 7.17
CA MET A 25 2.22 8.83 6.40
C MET A 25 1.73 9.35 5.05
N ASN A 26 2.26 10.48 4.64
CA ASN A 26 2.05 10.92 3.27
C ASN A 26 3.39 11.35 2.72
N LYS A 27 3.38 11.75 1.46
CA LYS A 27 4.66 11.93 0.78
C LYS A 27 5.36 13.21 1.25
N VAL A 28 4.59 14.26 1.52
CA VAL A 28 5.21 15.47 2.08
C VAL A 28 5.91 15.16 3.40
N LYS A 29 5.20 14.49 4.32
CA LYS A 29 5.74 14.14 5.64
C LYS A 29 6.97 13.27 5.47
N ALA A 30 6.89 12.30 4.55
CA ALA A 30 8.02 11.38 4.38
C ALA A 30 9.24 12.11 3.82
N ARG A 31 9.01 13.01 2.88
CA ARG A 31 10.15 13.73 2.29
C ARG A 31 10.80 14.66 3.28
N VAL A 32 10.03 15.30 4.13
CA VAL A 32 10.63 16.11 5.20
C VAL A 32 11.59 15.23 6.01
N ILE A 33 11.11 14.08 6.49
CA ILE A 33 11.95 13.20 7.30
C ILE A 33 13.17 12.73 6.51
N LEU A 34 12.96 12.27 5.29
CA LEU A 34 14.04 11.70 4.48
C LEU A 34 15.05 12.77 4.05
N SER A 35 14.73 14.05 4.21
CA SER A 35 15.66 15.14 3.90
C SER A 35 16.49 15.59 5.08
N GLY A 36 16.40 14.93 6.22
CA GLY A 36 17.08 15.42 7.41
C GLY A 36 16.47 16.74 7.88
N PRO A 42 14.67 12.53 14.54
CA PRO A 42 15.53 12.05 13.44
C PRO A 42 15.52 10.52 13.35
N PRO A 43 15.33 9.94 12.17
CA PRO A 43 15.12 8.49 12.12
C PRO A 43 16.38 7.73 12.50
N PHE A 44 16.16 6.69 13.30
CA PHE A 44 17.23 5.78 13.66
C PHE A 44 17.52 4.85 12.48
N VAL A 45 18.79 4.74 12.09
CA VAL A 45 19.17 4.02 10.88
C VAL A 45 19.48 2.58 11.22
N ILE A 46 18.76 1.67 10.58
CA ILE A 46 18.93 0.23 10.74
C ILE A 46 19.69 -0.24 9.49
N HIS A 47 20.97 -0.58 9.67
CA HIS A 47 21.82 -0.91 8.55
C HIS A 47 22.52 -2.24 8.75
N ASP A 48 22.30 -2.89 9.89
CA ASP A 48 23.02 -4.13 10.19
C ASP A 48 22.32 -4.74 11.39
N MET A 49 22.76 -5.95 11.78
CA MET A 49 22.11 -6.64 12.91
C MET A 49 22.21 -5.85 14.20
N GLU A 50 23.37 -5.25 14.52
CA GLU A 50 23.48 -4.44 15.75
C GLU A 50 22.40 -3.37 15.81
N THR A 51 22.28 -2.56 14.74
CA THR A 51 21.30 -1.49 14.77
C THR A 51 19.86 -2.01 14.68
N LEU A 52 19.61 -3.16 14.04
CA LEU A 52 18.26 -3.72 14.11
C LEU A 52 17.90 -4.04 15.56
N CYS A 53 18.82 -4.69 16.28
CA CYS A 53 18.55 -5.04 17.67
C CYS A 53 18.35 -3.78 18.53
N MET A 54 19.13 -2.74 18.27
CA MET A 54 18.96 -1.49 19.00
C MET A 54 17.59 -0.88 18.72
N ALA A 55 17.22 -0.80 17.43
CA ALA A 55 15.93 -0.19 17.09
C ALA A 55 14.80 -0.99 17.70
N GLU A 56 14.90 -2.30 17.66
CA GLU A 56 13.87 -3.11 18.30
C GLU A 56 13.71 -2.75 19.78
N LYS A 57 14.81 -2.60 20.52
CA LYS A 57 14.66 -2.23 21.94
C LYS A 57 14.08 -0.83 22.16
N THR A 58 14.24 0.08 21.20
CA THR A 58 13.71 1.42 21.41
C THR A 58 12.33 1.60 20.82
N LEU A 59 12.03 0.91 19.71
CA LEU A 59 10.80 1.20 18.97
C LEU A 59 9.76 0.11 18.98
N VAL A 60 10.12 -1.14 19.26
CA VAL A 60 9.15 -2.23 19.40
C VAL A 60 9.59 -3.05 20.60
N ALA A 61 9.75 -2.37 21.75
CA ALA A 61 10.41 -3.00 22.89
C ALA A 61 9.71 -4.29 23.32
N LYS A 62 8.37 -4.28 23.35
CA LYS A 62 7.64 -5.48 23.75
C LYS A 62 7.99 -6.68 22.88
N LEU A 63 8.27 -6.46 21.59
CA LEU A 63 8.58 -7.57 20.69
C LEU A 63 9.84 -8.32 21.11
N VAL A 64 10.73 -7.67 21.85
CA VAL A 64 11.93 -8.36 22.29
C VAL A 64 12.16 -8.15 23.78
N ASN A 70 11.32 -13.62 20.18
CA ASN A 70 12.77 -13.67 19.93
C ASN A 70 13.14 -14.93 19.13
N LYS A 71 12.56 -15.01 17.93
CA LYS A 71 13.03 -15.95 16.92
C LYS A 71 14.18 -15.29 16.16
N GLU A 72 14.55 -15.86 15.01
CA GLU A 72 15.57 -15.25 14.17
C GLU A 72 15.18 -13.83 13.79
N ALA A 73 16.21 -12.99 13.55
CA ALA A 73 15.95 -11.61 13.20
C ALA A 73 14.96 -11.52 12.04
N GLU A 74 15.08 -12.43 11.07
CA GLU A 74 14.29 -12.32 9.85
C GLU A 74 12.83 -12.53 10.15
N VAL A 75 12.53 -13.43 11.08
CA VAL A 75 11.16 -13.69 11.48
C VAL A 75 10.61 -12.53 12.33
N ARG A 76 11.43 -11.94 13.21
CA ARG A 76 11.00 -10.73 13.92
C ARG A 76 10.69 -9.60 12.94
N ILE A 77 11.54 -9.40 11.94
CA ILE A 77 11.26 -8.37 10.95
C ILE A 77 9.93 -8.65 10.25
N PHE A 78 9.72 -9.90 9.83
CA PHE A 78 8.50 -10.28 9.11
C PHE A 78 7.27 -10.01 9.98
N HIS A 79 7.37 -10.22 11.30
CA HIS A 79 6.29 -9.87 12.21
C HIS A 79 6.00 -8.38 12.21
N CYS A 80 7.05 -7.56 12.27
CA CYS A 80 6.90 -6.11 12.14
C CYS A 80 6.26 -5.71 10.82
N CYS A 81 6.71 -6.30 9.72
CA CYS A 81 6.07 -5.99 8.43
C CYS A 81 4.56 -6.25 8.52
N GLN A 82 4.17 -7.39 9.08
CA GLN A 82 2.74 -7.70 9.16
C GLN A 82 1.98 -6.68 10.00
N CYS A 83 2.56 -6.25 11.12
CA CYS A 83 1.90 -5.23 11.91
C CYS A 83 1.70 -3.95 11.09
N THR A 84 2.70 -3.57 10.29
CA THR A 84 2.55 -2.42 9.41
C THR A 84 1.40 -2.67 8.43
N SER A 85 1.36 -3.85 7.80
CA SER A 85 0.29 -4.12 6.84
C SER A 85 -1.09 -4.05 7.48
N VAL A 86 -1.26 -4.67 8.64
CA VAL A 86 -2.57 -4.67 9.27
C VAL A 86 -3.04 -3.25 9.53
N GLU A 87 -2.13 -2.38 9.99
CA GLU A 87 -2.48 -0.98 10.21
C GLU A 87 -2.87 -0.29 8.91
N THR A 88 -2.10 -0.52 7.84
CA THR A 88 -2.42 0.15 6.59
C THR A 88 -3.75 -0.35 6.03
N VAL A 89 -4.06 -1.64 6.20
CA VAL A 89 -5.37 -2.14 5.75
C VAL A 89 -6.50 -1.39 6.46
N THR A 90 -6.33 -1.14 7.76
CA THR A 90 -7.36 -0.42 8.50
C THR A 90 -7.51 1.02 7.98
N GLU A 91 -6.38 1.68 7.72
CA GLU A 91 -6.43 3.02 7.16
C GLU A 91 -7.12 3.01 5.79
N LEU A 92 -6.83 2.00 4.97
CA LEU A 92 -7.43 1.94 3.62
C LEU A 92 -8.93 1.71 3.67
N THR A 93 -9.39 0.91 4.64
CA THR A 93 -10.82 0.67 4.81
C THR A 93 -11.56 1.97 5.14
N GLU A 94 -10.99 2.77 6.03
CA GLU A 94 -11.59 4.08 6.36
C GLU A 94 -11.53 5.03 5.18
N PHE A 95 -10.40 5.05 4.47
CA PHE A 95 -10.30 5.90 3.29
C PHE A 95 -11.33 5.52 2.26
N ALA A 96 -11.56 4.22 2.12
CA ALA A 96 -12.50 3.73 1.13
C ALA A 96 -13.89 4.15 1.50
N LYS A 97 -14.25 3.95 2.78
CA LYS A 97 -15.53 4.43 3.33
C LYS A 97 -15.76 5.88 3.04
N ALA A 98 -14.69 6.65 2.87
CA ALA A 98 -14.78 8.05 2.56
C ALA A 98 -14.75 8.32 1.06
N ILE A 99 -14.66 7.29 0.23
CA ILE A 99 -14.66 7.52 -1.23
C ILE A 99 -16.11 7.72 -1.65
N PRO A 100 -16.47 8.88 -2.20
CA PRO A 100 -17.87 9.10 -2.60
C PRO A 100 -18.38 8.00 -3.52
N GLY A 101 -19.49 7.32 -3.15
CA GLY A 101 -20.08 6.21 -3.92
C GLY A 101 -19.77 4.82 -3.35
N PHE A 102 -18.65 4.68 -2.65
CA PHE A 102 -18.25 3.36 -2.20
C PHE A 102 -19.21 2.79 -1.16
N ALA A 103 -19.61 3.62 -0.21
CA ALA A 103 -20.49 3.22 0.86
C ALA A 103 -21.91 2.87 0.39
N ASN A 104 -22.28 3.26 -0.83
CA ASN A 104 -23.55 2.81 -1.38
C ASN A 104 -23.46 1.45 -2.02
N LEU A 105 -22.28 0.85 -2.07
CA LEU A 105 -22.22 -0.47 -2.67
C LEU A 105 -22.71 -1.52 -1.68
N ASP A 106 -23.05 -2.67 -2.23
CA ASP A 106 -23.35 -3.82 -1.39
C ASP A 106 -22.15 -4.09 -0.48
N LEU A 107 -22.44 -4.32 0.79
CA LEU A 107 -21.36 -4.60 1.73
C LEU A 107 -20.43 -5.73 1.27
N ASN A 108 -20.96 -6.74 0.57
CA ASN A 108 -20.10 -7.84 0.11
C ASN A 108 -19.14 -7.40 -1.00
N ASP A 109 -19.59 -6.49 -1.87
CA ASP A 109 -18.71 -5.93 -2.88
C ASP A 109 -17.66 -5.02 -2.25
N GLN A 110 -18.03 -4.26 -1.21
CA GLN A 110 -17.04 -3.45 -0.51
C GLN A 110 -15.90 -4.33 -0.02
N VAL A 111 -16.24 -5.49 0.55
CA VAL A 111 -15.21 -6.40 1.04
C VAL A 111 -14.35 -6.91 -0.12
N THR A 112 -14.99 -7.31 -1.21
CA THR A 112 -14.26 -7.81 -2.37
C THR A 112 -13.32 -6.75 -2.92
N LEU A 113 -13.81 -5.51 -3.10
CA LEU A 113 -12.93 -4.48 -3.62
C LEU A 113 -11.73 -4.29 -2.70
N LEU A 114 -11.95 -4.28 -1.39
CA LEU A 114 -10.81 -4.05 -0.49
C LEU A 114 -9.89 -5.26 -0.49
N LYS A 115 -10.46 -6.46 -0.53
CA LYS A 115 -9.63 -7.66 -0.49
C LYS A 115 -8.57 -7.68 -1.59
N TYR A 116 -8.94 -7.33 -2.81
CA TYR A 116 -8.07 -7.34 -3.98
C TYR A 116 -7.29 -6.05 -4.15
N GLY A 117 -7.76 -4.97 -3.56
CA GLY A 117 -7.11 -3.71 -3.81
C GLY A 117 -6.08 -3.36 -2.74
N VAL A 118 -6.20 -3.89 -1.52
CA VAL A 118 -5.38 -3.26 -0.46
C VAL A 118 -3.89 -3.42 -0.72
N TYR A 119 -3.44 -4.59 -1.18
CA TYR A 119 -1.98 -4.72 -1.35
C TYR A 119 -1.48 -3.92 -2.54
N GLU A 120 -2.27 -3.78 -3.61
CA GLU A 120 -1.89 -2.87 -4.68
C GLU A 120 -1.74 -1.46 -4.15
N ALA A 121 -2.68 -1.02 -3.29
CA ALA A 121 -2.58 0.31 -2.72
C ALA A 121 -1.39 0.40 -1.75
N ILE A 122 -1.16 -0.65 -0.97
CA ILE A 122 -0.06 -0.65 0.00
C ILE A 122 1.27 -0.44 -0.73
N PHE A 123 1.50 -1.17 -1.82
CA PHE A 123 2.82 -1.04 -2.44
C PHE A 123 2.94 0.26 -3.24
N ALA A 124 1.83 0.78 -3.76
CA ALA A 124 1.86 2.10 -4.36
C ALA A 124 2.26 3.17 -3.33
N MET A 125 1.59 3.17 -2.17
CA MET A 125 1.88 4.14 -1.12
C MET A 125 3.25 3.93 -0.49
N LEU A 126 3.72 2.67 -0.41
CA LEU A 126 5.05 2.42 0.13
C LEU A 126 6.14 3.18 -0.64
N SER A 127 5.93 3.40 -1.93
CA SER A 127 6.89 4.15 -2.71
C SER A 127 7.17 5.51 -2.08
N SER A 128 6.16 6.13 -1.45
CA SER A 128 6.38 7.45 -0.88
C SER A 128 7.42 7.45 0.22
N VAL A 129 7.67 6.32 0.89
CA VAL A 129 8.63 6.33 2.00
C VAL A 129 9.91 5.64 1.60
N MET A 130 10.07 5.32 0.33
CA MET A 130 11.25 4.64 -0.18
C MET A 130 12.13 5.60 -1.00
N ASN A 131 13.46 5.45 -0.83
CA ASN A 131 14.37 6.01 -1.84
C ASN A 131 15.36 4.93 -2.25
N LYS A 132 16.38 5.27 -3.04
CA LYS A 132 17.21 4.18 -3.56
C LYS A 132 18.06 3.53 -2.49
N ASP A 133 18.19 4.17 -1.33
CA ASP A 133 18.99 3.57 -0.26
C ASP A 133 18.19 2.83 0.82
N GLY A 134 16.87 3.00 0.90
CA GLY A 134 16.17 2.38 2.02
C GLY A 134 14.76 2.92 2.14
N MET A 135 14.16 2.67 3.30
CA MET A 135 12.75 3.08 3.49
C MET A 135 12.50 3.49 4.94
N LEU A 136 11.57 4.43 5.10
CA LEU A 136 11.11 4.74 6.44
C LEU A 136 10.25 3.63 7.01
N VAL A 137 10.38 3.41 8.31
CA VAL A 137 9.58 2.41 9.02
C VAL A 137 9.20 2.99 10.37
N ALA A 138 8.35 2.26 11.07
CA ALA A 138 7.96 2.56 12.45
C ALA A 138 7.52 4.02 12.56
N TYR A 139 6.51 4.36 11.75
CA TYR A 139 5.82 5.65 11.84
C TYR A 139 6.80 6.82 11.68
N GLY A 140 7.74 6.64 10.76
CA GLY A 140 8.78 7.61 10.43
C GLY A 140 9.97 7.71 11.37
N ASN A 141 10.08 6.81 12.34
CA ASN A 141 11.12 6.90 13.34
C ASN A 141 12.32 6.00 13.07
N GLY A 142 12.24 5.16 12.04
CA GLY A 142 13.39 4.36 11.63
C GLY A 142 13.55 4.44 10.13
N PHE A 143 14.77 4.13 9.68
CA PHE A 143 15.07 4.06 8.25
C PHE A 143 15.84 2.78 8.11
N ILE A 144 15.30 1.83 7.35
CA ILE A 144 15.99 0.55 7.19
C ILE A 144 16.63 0.55 5.81
N THR A 145 17.88 0.08 5.74
CA THR A 145 18.54 0.22 4.45
C THR A 145 18.17 -0.92 3.53
N ARG A 146 18.22 -0.60 2.24
CA ARG A 146 17.87 -1.55 1.20
C ARG A 146 18.90 -2.67 1.17
N GLU A 147 20.17 -2.33 1.43
CA GLU A 147 21.22 -3.35 1.46
C GLU A 147 21.11 -4.25 2.68
N PHE A 148 20.63 -3.72 3.81
CA PHE A 148 20.41 -4.60 4.94
C PHE A 148 19.34 -5.62 4.64
N LEU A 149 18.25 -5.19 3.98
CA LEU A 149 17.17 -6.14 3.67
C LEU A 149 17.63 -7.23 2.70
N LYS A 150 18.48 -6.87 1.74
CA LYS A 150 19.09 -7.82 0.81
C LYS A 150 20.00 -8.80 1.53
N SER A 151 20.44 -8.45 2.73
CA SER A 151 21.43 -9.26 3.42
C SER A 151 20.81 -10.38 4.24
N LEU A 152 19.49 -10.34 4.45
CA LEU A 152 18.76 -11.31 5.25
C LEU A 152 18.82 -12.68 4.56
N ARG A 153 18.62 -13.73 5.34
CA ARG A 153 18.64 -15.04 4.72
C ARG A 153 17.43 -15.25 3.82
N LYS A 154 17.62 -16.11 2.81
CA LYS A 154 16.50 -16.48 1.96
C LYS A 154 15.47 -17.20 2.82
N PRO A 155 14.17 -17.05 2.52
CA PRO A 155 13.58 -16.24 1.47
C PRO A 155 13.31 -14.77 1.87
N PHE A 156 13.69 -14.37 3.08
CA PHE A 156 13.24 -13.06 3.56
C PHE A 156 13.90 -11.93 2.78
N CYS A 157 15.11 -12.15 2.22
CA CYS A 157 15.79 -11.12 1.42
C CYS A 157 15.12 -10.88 0.07
N ASP A 158 14.20 -11.73 -0.34
CA ASP A 158 13.51 -11.62 -1.62
C ASP A 158 12.20 -10.85 -1.51
N ILE A 159 11.82 -10.40 -0.33
CA ILE A 159 10.51 -9.74 -0.18
C ILE A 159 10.54 -8.34 -0.75
N MET A 160 11.48 -7.54 -0.31
CA MET A 160 11.33 -6.11 -0.53
C MET A 160 11.98 -5.64 -1.81
N GLU A 161 12.97 -6.35 -2.35
CA GLU A 161 13.68 -5.78 -3.50
C GLU A 161 12.77 -5.49 -4.71
N PRO A 162 11.80 -6.34 -5.09
CA PRO A 162 10.89 -5.95 -6.19
C PRO A 162 10.04 -4.72 -5.85
N LYS A 163 9.79 -4.48 -4.56
CA LYS A 163 9.03 -3.30 -4.15
C LYS A 163 9.88 -2.05 -4.32
N PHE A 164 11.18 -2.15 -4.01
CA PHE A 164 12.05 -1.00 -4.29
C PHE A 164 12.14 -0.74 -5.78
N ASP A 165 12.24 -1.81 -6.59
CA ASP A 165 12.35 -1.62 -8.05
C ASP A 165 11.10 -0.93 -8.58
N PHE A 166 9.91 -1.37 -8.13
CA PHE A 166 8.68 -0.69 -8.51
C PHE A 166 8.73 0.78 -8.08
N ALA A 167 9.10 1.03 -6.83
CA ALA A 167 9.05 2.37 -6.26
C ALA A 167 10.01 3.32 -6.97
N MET A 168 11.18 2.85 -7.40
CA MET A 168 12.10 3.82 -8.00
C MET A 168 11.49 4.38 -9.28
N LYS A 169 10.89 3.51 -10.08
CA LYS A 169 10.25 3.97 -11.30
C LYS A 169 8.96 4.72 -11.01
N PHE A 170 8.20 4.30 -10.00
CA PHE A 170 6.98 5.06 -9.64
C PHE A 170 7.35 6.45 -9.15
N ASN A 171 8.42 6.56 -8.37
CA ASN A 171 8.77 7.85 -7.82
C ASN A 171 9.31 8.77 -8.89
N ALA A 172 9.84 8.22 -9.97
CA ALA A 172 10.35 9.05 -11.06
C ALA A 172 9.25 9.81 -11.75
N LEU A 173 8.00 9.36 -11.62
CA LEU A 173 6.85 10.10 -12.13
C LEU A 173 6.60 11.38 -11.35
N GLU A 174 7.21 11.56 -10.18
CA GLU A 174 7.07 12.79 -9.40
C GLU A 174 5.60 13.14 -9.12
N LEU A 175 4.84 12.15 -8.69
CA LEU A 175 3.47 12.45 -8.26
C LEU A 175 3.45 13.12 -6.89
N ASP A 176 2.39 13.86 -6.64
CA ASP A 176 2.24 14.35 -5.29
C ASP A 176 1.05 13.65 -4.66
N ASP A 177 0.79 14.00 -3.40
CA ASP A 177 -0.29 13.32 -2.68
C ASP A 177 -1.64 13.55 -3.34
N SER A 178 -1.88 14.71 -3.98
CA SER A 178 -3.17 14.89 -4.65
C SER A 178 -3.35 13.88 -5.79
N ASP A 179 -2.24 13.51 -6.46
CA ASP A 179 -2.31 12.48 -7.50
C ASP A 179 -2.49 11.11 -6.87
N ILE A 180 -1.70 10.84 -5.83
CA ILE A 180 -1.64 9.49 -5.29
C ILE A 180 -2.98 9.11 -4.67
N SER A 181 -3.66 10.07 -4.03
CA SER A 181 -4.96 9.80 -3.42
C SER A 181 -5.95 9.31 -4.47
N LEU A 182 -5.95 9.94 -5.65
CA LEU A 182 -6.84 9.52 -6.74
C LEU A 182 -6.43 8.19 -7.31
N PHE A 183 -5.12 7.96 -7.45
CA PHE A 183 -4.63 6.68 -7.94
C PHE A 183 -5.03 5.54 -7.00
N VAL A 184 -4.89 5.74 -5.67
CA VAL A 184 -5.31 4.74 -4.71
C VAL A 184 -6.83 4.52 -4.77
N ALA A 185 -7.61 5.60 -4.88
CA ALA A 185 -9.04 5.40 -5.10
C ALA A 185 -9.32 4.58 -6.38
N ALA A 186 -8.62 4.87 -7.48
CA ALA A 186 -8.84 4.11 -8.71
C ALA A 186 -8.48 2.64 -8.55
N ILE A 187 -7.37 2.34 -7.85
CA ILE A 187 -7.05 0.95 -7.54
C ILE A 187 -8.18 0.29 -6.80
N ILE A 188 -8.73 0.95 -5.79
CA ILE A 188 -9.76 0.33 -4.98
C ILE A 188 -11.04 0.10 -5.79
N CYS A 189 -11.43 1.09 -6.59
CA CYS A 189 -12.73 1.12 -7.27
C CYS A 189 -12.57 0.49 -8.65
N CYS A 190 -12.41 -0.83 -8.64
CA CYS A 190 -11.93 -1.58 -9.79
C CYS A 190 -12.96 -2.63 -10.16
N GLY A 191 -13.55 -2.51 -11.36
CA GLY A 191 -14.72 -3.33 -11.61
C GLY A 191 -14.44 -4.75 -12.06
N ASP A 192 -13.19 -5.12 -12.31
CA ASP A 192 -12.88 -6.45 -12.82
C ASP A 192 -12.34 -7.39 -11.74
N ARG A 193 -12.59 -7.09 -10.47
CA ARG A 193 -12.19 -8.00 -9.41
C ARG A 193 -13.05 -9.26 -9.45
N PRO A 194 -12.46 -10.40 -9.10
CA PRO A 194 -13.21 -11.66 -9.06
C PRO A 194 -14.29 -11.64 -7.99
N GLY A 195 -15.48 -12.11 -8.38
CA GLY A 195 -16.55 -12.30 -7.41
C GLY A 195 -17.46 -11.12 -7.18
N LEU A 196 -17.37 -10.07 -7.99
CA LEU A 196 -18.20 -8.91 -7.76
C LEU A 196 -19.65 -9.27 -8.03
N LEU A 197 -20.56 -8.70 -7.24
CA LEU A 197 -22.00 -8.92 -7.38
C LEU A 197 -22.61 -7.92 -8.35
N ASN A 198 -22.36 -6.63 -8.13
N ASN A 198 -22.33 -6.64 -8.16
CA ASN A 198 -22.91 -5.56 -8.97
CA ASN A 198 -22.89 -5.60 -9.00
C ASN A 198 -21.83 -4.94 -9.86
C ASN A 198 -21.79 -4.96 -9.83
N VAL A 199 -21.25 -5.73 -10.77
CA VAL A 199 -20.16 -5.23 -11.63
C VAL A 199 -20.56 -3.94 -12.33
N GLY A 200 -21.79 -3.84 -12.82
CA GLY A 200 -22.13 -2.65 -13.59
C GLY A 200 -22.02 -1.38 -12.76
N HIS A 201 -22.50 -1.41 -11.53
CA HIS A 201 -22.41 -0.20 -10.71
C HIS A 201 -20.95 0.13 -10.37
N ILE A 202 -20.13 -0.88 -10.17
CA ILE A 202 -18.73 -0.64 -9.83
C ILE A 202 -18.00 -0.03 -11.01
N GLU A 203 -18.29 -0.52 -12.22
CA GLU A 203 -17.67 0.05 -13.40
C GLU A 203 -18.04 1.51 -13.55
N LYS A 204 -19.28 1.88 -13.24
CA LYS A 204 -19.61 3.29 -13.34
C LYS A 204 -18.92 4.09 -12.24
N MET A 205 -18.82 3.52 -11.04
CA MET A 205 -18.05 4.20 -9.98
C MET A 205 -16.61 4.40 -10.41
N GLN A 206 -16.00 3.34 -10.95
CA GLN A 206 -14.63 3.40 -11.42
C GLN A 206 -14.48 4.42 -12.54
N GLU A 207 -15.38 4.38 -13.54
CA GLU A 207 -15.29 5.36 -14.61
C GLU A 207 -15.28 6.78 -14.06
N GLY A 208 -16.06 7.04 -13.00
CA GLY A 208 -16.11 8.39 -12.47
C GLY A 208 -14.81 8.78 -11.80
N ILE A 209 -14.23 7.86 -11.03
CA ILE A 209 -12.93 8.13 -10.37
C ILE A 209 -11.82 8.27 -11.41
N VAL A 210 -11.77 7.36 -12.38
CA VAL A 210 -10.75 7.45 -13.43
C VAL A 210 -10.91 8.75 -14.21
N HIS A 211 -12.16 9.18 -14.47
CA HIS A 211 -12.38 10.45 -15.14
C HIS A 211 -11.75 11.59 -14.34
N VAL A 212 -12.00 11.60 -13.02
CA VAL A 212 -11.45 12.66 -12.17
C VAL A 212 -9.92 12.58 -12.13
N LEU A 213 -9.37 11.35 -12.08
CA LEU A 213 -7.91 11.17 -12.14
C LEU A 213 -7.33 11.72 -13.43
N ARG A 214 -7.96 11.38 -14.57
N ARG A 214 -7.95 11.39 -14.57
CA ARG A 214 -7.49 11.82 -15.87
CA ARG A 214 -7.43 11.85 -15.86
C ARG A 214 -7.44 13.36 -15.95
C ARG A 214 -7.42 13.37 -15.93
N LEU A 215 -8.54 14.02 -15.58
CA LEU A 215 -8.56 15.47 -15.60
C LEU A 215 -7.56 16.07 -14.62
N HIS A 216 -7.42 15.45 -13.44
CA HIS A 216 -6.51 16.00 -12.44
C HIS A 216 -5.08 15.94 -12.93
N LEU A 217 -4.69 14.81 -13.54
CA LEU A 217 -3.33 14.73 -14.06
C LEU A 217 -3.06 15.75 -15.15
N GLN A 218 -4.05 15.98 -16.02
CA GLN A 218 -3.91 17.00 -17.07
C GLN A 218 -3.66 18.38 -16.46
N SER A 219 -4.34 18.68 -15.36
N SER A 219 -4.34 18.68 -15.36
CA SER A 219 -4.21 19.99 -14.71
CA SER A 219 -4.21 19.99 -14.71
C SER A 219 -2.92 20.10 -13.91
C SER A 219 -2.92 20.10 -13.91
N ASN A 220 -2.57 19.04 -13.17
CA ASN A 220 -1.46 19.07 -12.22
C ASN A 220 -0.11 18.76 -12.87
N HIS A 221 -0.12 18.05 -14.00
CA HIS A 221 1.08 17.65 -14.71
C HIS A 221 0.97 17.97 -16.19
N PRO A 222 0.79 19.25 -16.53
CA PRO A 222 0.72 19.62 -17.96
C PRO A 222 2.00 19.32 -18.71
N ASP A 223 3.10 19.07 -18.01
CA ASP A 223 4.35 18.76 -18.68
C ASP A 223 4.43 17.31 -19.18
N ASP A 224 3.58 16.41 -18.71
CA ASP A 224 3.79 14.96 -18.97
C ASP A 224 2.51 14.44 -19.61
N ILE A 225 2.47 14.50 -20.95
CA ILE A 225 1.15 14.28 -21.54
C ILE A 225 0.75 12.81 -21.58
N PHE A 226 1.66 11.91 -21.23
CA PHE A 226 1.32 10.49 -21.14
C PHE A 226 1.20 10.01 -19.70
N LEU A 227 1.11 10.91 -18.73
CA LEU A 227 1.11 10.44 -17.35
C LEU A 227 -0.09 9.53 -17.06
N PHE A 228 -1.26 9.82 -17.60
CA PHE A 228 -2.39 8.95 -17.31
C PHE A 228 -2.17 7.52 -17.84
N PRO A 229 -1.80 7.30 -19.11
CA PRO A 229 -1.54 5.93 -19.54
C PRO A 229 -0.34 5.31 -18.80
N LYS A 230 0.64 6.11 -18.38
CA LYS A 230 1.71 5.55 -17.54
C LYS A 230 1.13 4.99 -16.25
N LEU A 231 0.17 5.70 -15.65
CA LEU A 231 -0.36 5.23 -14.37
C LEU A 231 -1.27 4.02 -14.57
N LEU A 232 -2.01 3.98 -15.69
CA LEU A 232 -2.77 2.75 -15.97
C LEU A 232 -1.83 1.56 -16.03
N GLN A 233 -0.66 1.74 -16.65
CA GLN A 233 0.31 0.65 -16.73
C GLN A 233 0.87 0.31 -15.33
N LYS A 234 1.10 1.31 -14.49
CA LYS A 234 1.55 1.01 -13.12
C LYS A 234 0.50 0.21 -12.38
N MET A 235 -0.78 0.45 -12.66
CA MET A 235 -1.82 -0.32 -12.00
C MET A 235 -1.70 -1.80 -12.37
N ALA A 236 -1.49 -2.06 -13.64
CA ALA A 236 -1.27 -3.44 -14.07
C ALA A 236 0.02 -4.02 -13.48
N ASP A 237 1.09 -3.23 -13.38
CA ASP A 237 2.33 -3.69 -12.77
C ASP A 237 2.12 -4.05 -11.31
N LEU A 238 1.31 -3.27 -10.61
CA LEU A 238 1.04 -3.56 -9.20
C LEU A 238 0.27 -4.87 -9.05
N ARG A 239 -0.70 -5.14 -9.93
CA ARG A 239 -1.41 -6.41 -9.84
C ARG A 239 -0.43 -7.57 -9.93
N GLN A 240 0.54 -7.47 -10.83
CA GLN A 240 1.51 -8.54 -10.96
C GLN A 240 2.44 -8.59 -9.76
N LEU A 241 2.84 -7.42 -9.22
CA LEU A 241 3.67 -7.42 -8.04
C LEU A 241 2.98 -8.11 -6.87
N VAL A 242 1.66 -7.86 -6.74
CA VAL A 242 0.88 -8.44 -5.65
C VAL A 242 0.79 -9.95 -5.84
N THR A 243 0.50 -10.41 -7.06
CA THR A 243 0.46 -11.85 -7.31
C THR A 243 1.76 -12.51 -6.91
N GLU A 244 2.88 -11.90 -7.28
CA GLU A 244 4.18 -12.47 -6.95
C GLU A 244 4.45 -12.39 -5.45
N HIS A 245 4.05 -11.29 -4.82
CA HIS A 245 4.24 -11.19 -3.38
C HIS A 245 3.44 -12.27 -2.67
N ALA A 246 2.18 -12.44 -3.07
CA ALA A 246 1.32 -13.44 -2.42
C ALA A 246 1.93 -14.82 -2.54
N GLN A 247 2.54 -15.10 -3.70
CA GLN A 247 3.20 -16.40 -3.86
C GLN A 247 4.37 -16.57 -2.89
N LEU A 248 5.17 -15.53 -2.67
CA LEU A 248 6.28 -15.63 -1.76
C LEU A 248 5.80 -15.80 -0.32
N VAL A 249 4.74 -15.06 0.04
CA VAL A 249 4.14 -15.17 1.36
C VAL A 249 3.65 -16.60 1.59
N GLN A 250 3.07 -17.22 0.58
CA GLN A 250 2.64 -18.61 0.75
C GLN A 250 3.84 -19.53 0.98
N ILE A 251 4.95 -19.31 0.25
CA ILE A 251 6.15 -20.13 0.46
C ILE A 251 6.66 -19.96 1.88
N ILE A 252 6.72 -18.72 2.36
CA ILE A 252 7.15 -18.48 3.74
C ILE A 252 6.21 -19.18 4.73
N LYS A 253 4.91 -19.00 4.59
CA LYS A 253 4.01 -19.62 5.56
C LYS A 253 4.17 -21.14 5.59
N LYS A 254 4.42 -21.77 4.45
CA LYS A 254 4.51 -23.22 4.42
C LYS A 254 5.86 -23.75 4.88
N THR A 255 6.90 -22.97 4.73
CA THR A 255 8.25 -23.46 4.96
C THR A 255 8.89 -22.87 6.22
N GLU A 256 8.20 -21.98 6.95
CA GLU A 256 8.76 -21.31 8.12
C GLU A 256 7.72 -21.27 9.24
N SER A 257 7.89 -22.09 10.28
CA SER A 257 6.88 -22.13 11.35
C SER A 257 6.88 -20.84 12.17
N ASP A 258 8.06 -20.30 12.46
CA ASP A 258 8.09 -19.09 13.28
C ASP A 258 7.41 -17.92 12.60
N ALA A 259 7.01 -18.07 11.34
CA ALA A 259 6.49 -16.95 10.58
C ALA A 259 4.98 -17.05 10.38
N ALA A 260 4.24 -17.29 11.45
CA ALA A 260 2.79 -17.31 11.34
C ALA A 260 2.27 -16.02 10.71
N LEU A 261 1.06 -16.07 10.17
CA LEU A 261 0.46 -14.98 9.43
C LEU A 261 -0.72 -14.44 10.23
N HIS A 262 -0.79 -13.12 10.38
CA HIS A 262 -1.87 -12.49 11.13
C HIS A 262 -3.22 -12.86 10.51
N PRO A 263 -4.27 -12.95 11.32
CA PRO A 263 -5.55 -13.48 10.80
C PRO A 263 -6.20 -12.61 9.74
N LEU A 264 -6.12 -11.29 9.89
CA LEU A 264 -6.68 -10.41 8.88
C LEU A 264 -5.95 -10.61 7.55
N LEU A 265 -4.63 -10.82 7.61
CA LEU A 265 -3.88 -10.98 6.37
C LEU A 265 -4.14 -12.34 5.75
N GLN A 266 -4.25 -13.39 6.57
CA GLN A 266 -4.68 -14.69 6.02
C GLN A 266 -6.05 -14.56 5.33
N GLU A 267 -6.99 -13.86 5.95
CA GLU A 267 -8.30 -13.65 5.33
C GLU A 267 -8.19 -12.96 3.97
N ILE A 268 -7.32 -11.94 3.87
CA ILE A 268 -7.14 -11.24 2.61
C ILE A 268 -6.53 -12.14 1.54
N TYR A 269 -5.47 -12.89 1.89
CA TYR A 269 -4.81 -13.71 0.89
C TYR A 269 -5.66 -14.89 0.48
N ARG A 270 -6.53 -15.36 1.38
CA ARG A 270 -7.30 -16.59 1.18
C ARG A 270 -8.20 -16.48 -0.04
N ASP A 271 -7.99 -17.39 -1.00
CA ASP A 271 -8.75 -17.43 -2.25
C ASP A 271 -8.55 -16.16 -3.08
N MET A 272 -7.44 -15.46 -2.87
CA MET A 272 -7.14 -14.26 -3.66
C MET A 272 -6.63 -14.64 -5.05
N TYR A 273 -5.42 -15.21 -5.11
CA TYR A 273 -4.78 -15.53 -6.40
C TYR A 273 -4.37 -17.01 -6.49
N HIS B 5 -14.59 -13.25 5.38
CA HIS B 5 -13.95 -11.96 5.58
C HIS B 5 -14.59 -11.21 6.75
N LYS B 6 -14.56 -11.81 7.94
CA LYS B 6 -15.30 -11.23 9.06
C LYS B 6 -14.62 -9.99 9.63
N ILE B 7 -13.31 -9.84 9.46
CA ILE B 7 -12.63 -8.65 9.97
C ILE B 7 -12.83 -7.47 9.05
N LEU B 8 -12.62 -7.67 7.74
CA LEU B 8 -12.99 -6.64 6.78
C LEU B 8 -14.46 -6.23 6.96
N HIS B 9 -15.36 -7.22 7.00
CA HIS B 9 -16.78 -6.91 7.08
C HIS B 9 -17.11 -6.12 8.33
N ARG B 10 -16.40 -6.38 9.44
CA ARG B 10 -16.59 -5.58 10.64
C ARG B 10 -15.88 -4.23 10.53
N LEU B 11 -14.66 -4.22 10.00
CA LEU B 11 -13.97 -2.95 9.76
C LEU B 11 -14.84 -2.00 8.94
N LEU B 12 -15.65 -2.53 8.01
CA LEU B 12 -16.49 -1.68 7.17
C LEU B 12 -17.82 -1.29 7.84
N GLN B 13 -18.24 -2.03 8.87
CA GLN B 13 -19.48 -1.71 9.58
C GLN B 13 -19.31 -0.51 10.52
C1 GOL C . 10.14 10.52 -3.50
O1 GOL C . 10.90 11.61 -3.96
C2 GOL C . 10.18 10.58 -1.96
O2 GOL C . 8.92 10.65 -1.33
C3 GOL C . 10.83 9.35 -1.41
O3 GOL C . 12.04 9.07 -2.15
H11 GOL C . 9.12 10.61 -3.85
H12 GOL C . 10.56 9.59 -3.85
HO1 GOL C . 10.95 11.57 -4.94
H2 GOL C . 10.78 11.44 -1.66
HO2 GOL C . 8.41 9.84 -1.54
H31 GOL C . 10.16 8.50 -1.49
H32 GOL C . 11.07 9.49 -0.36
HO3 GOL C . 11.86 8.41 -2.85
C06 MUO D . 3.63 -8.92 4.54
C07 MUO D . 5.12 -7.35 3.60
C08 MUO D . 6.39 -7.41 4.09
C09 MUO D . 4.50 -6.15 3.27
C10 MUO D . 3.69 -8.10 5.83
C11 MUO D . 3.81 -10.39 4.94
C12 MUO D . 6.49 -5.04 3.92
C13 MUO D . 7.08 -6.24 4.27
C14 MUO D . 5.22 -4.98 3.44
C15 MUO D . 2.25 -8.79 3.98
C16 MUO D . 6.99 -8.78 4.46
C17 MUO D . 3.09 -6.09 2.69
C18 MUO D . 7.27 -3.77 4.21
C19 MUO D . 7.44 -3.67 5.51
C20 MUO D . 8.16 -2.55 6.20
C21 MUO D . 9.12 -2.77 7.38
C22 MUO D . 8.74 -2.21 8.59
C23 MUO D . 10.34 -3.48 7.32
C24 MUO D . 10.74 -3.02 9.66
C25 MUO D . 9.54 -2.34 9.70
C26 MUO D . 11.14 -3.59 8.46
C27 MUO D . 11.01 -2.05 12.47
O02 MUO D . 4.43 -8.53 3.45
O03 MUO D . 1.44 -8.10 4.61
O04 MUO D . 1.98 -9.41 2.90
O05 MUO D . 7.92 -1.46 5.80
S01 MUO D . 11.73 -3.13 11.18
H103 MUO D . 3.43 -8.65 6.58
H102 MUO D . 3.10 -7.34 5.77
H101 MUO D . 4.60 -7.78 5.97
H113 MUO D . 3.71 -10.95 4.15
H111 MUO D . 3.14 -10.63 5.60
H112 MUO D . 4.69 -10.51 5.31
H131 MUO D . 7.95 -6.25 4.63
H141 MUO D . 4.83 -4.16 3.22
H161 MUO D . 6.52 -9.48 3.98
H162 MUO D . 6.91 -8.93 5.41
H163 MUO D . 7.93 -8.79 4.20
H172 MUO D . 2.88 -6.94 2.28
H173 MUO D . 3.04 -5.38 2.04
H171 MUO D . 2.46 -5.91 3.41
H181 MUO D . 7.58 -3.16 3.58
H191 MUO D . 7.09 -4.35 6.04
H221 MUO D . 7.94 -1.74 8.64
H231 MUO D . 10.61 -3.85 6.52
H251 MUO D . 9.26 -1.95 10.50
H261 MUO D . 11.95 -4.06 8.40
H272 MUO D . 11.23 -2.40 13.34
H271 MUO D . 10.05 -2.02 12.35
H273 MUO D . 11.37 -1.16 12.39
#